data_6PS5
#
_entry.id   6PS5
#
_cell.length_a   42.730
_cell.length_b   77.600
_cell.length_c   173.880
_cell.angle_alpha   90.000
_cell.angle_beta   90.000
_cell.angle_gamma   90.000
#
_symmetry.space_group_name_H-M   'P 21 21 21'
#
loop_
_entity.id
_entity.type
_entity.pdbx_description
1 polymer 'Fusion protein of Beta-2 adrenergic receptor and T4 Lysozyme'
2 non-polymer 1-(ISOPROPYLAMINO)-3-(1-NAPHTHYLOXY)-2-PROPANOL
3 non-polymer 'SULFATE ION'
4 non-polymer CHOLESTEROL
5 non-polymer 'OLEIC ACID'
6 non-polymer '(2R)-2,3-dihydroxypropyl (9Z)-octadec-9-enoate'
#
_entity_poly.entity_id   1
_entity_poly.type   'polypeptide(L)'
_entity_poly.pdbx_seq_one_letter_code
;MKTIIALSYIFCLVFADYKDDDDAMGQPGNGSAFLLAPNRSHAPDHDVTQQRDEVWVVGMGIVMSLIVLAIVFGNVLVIT
AIAKFERLQTVTNYFITSLACADLVMGLAVVPFGAAHILMKMWTFGNFWCEFWTSIDVLCVTASIWTLCVIAVDRYFAIT
SPFKYQSLLTKNKARVIILMVWIVSGLTSFLPIQMHWYRATHQEAINCYAEETCCDFFTNQAYAIASSIVSFYVPLVIMV
FVYSRVFQEAKRQLNIFEMLRIDEGLRLKIYKDTEGYYTIGIGHLLTKSPSLNAAKSELDKAIGRNTNGVITKDEAEKLF
NQDVDAAVRGILRNAKLKPVYDSLDAVRRAALINMVFQMGETGVAGFTNSLRMLQQKRWDEAAVNLAKSRWYNQTPNRAK
RVITTFRTGTWDAYKFCLKEHKALKTLGIIMGTFTLCWLPFFIVNIVHVIQDNLIRKEVYILLNWIGYVNSGFNPLIYCR
SPDFRIAFQELLCLRRSSLKHHHHHH
;
_entity_poly.pdbx_strand_id   A
#
# COMPACT_ATOMS: atom_id res chain seq x y z
N ASP A 53 11.14 -40.92 0.70
CA ASP A 53 10.86 -41.87 -0.37
C ASP A 53 11.04 -41.22 -1.75
N GLU A 54 11.05 -42.05 -2.82
CA GLU A 54 11.22 -41.66 -4.22
C GLU A 54 10.14 -40.66 -4.69
N VAL A 55 8.86 -40.90 -4.32
CA VAL A 55 7.73 -40.06 -4.70
C VAL A 55 7.82 -38.67 -4.02
N TRP A 56 8.41 -38.62 -2.79
CA TRP A 56 8.57 -37.39 -2.03
C TRP A 56 9.66 -36.48 -2.62
N VAL A 57 10.65 -37.07 -3.31
CA VAL A 57 11.77 -36.35 -3.95
C VAL A 57 11.31 -35.74 -5.27
N VAL A 58 10.62 -36.55 -6.12
CA VAL A 58 10.09 -36.13 -7.42
C VAL A 58 9.08 -34.99 -7.23
N GLY A 59 8.15 -35.18 -6.29
CA GLY A 59 7.12 -34.21 -5.93
C GLY A 59 7.67 -32.88 -5.44
N MET A 60 8.72 -32.93 -4.59
CA MET A 60 9.37 -31.75 -4.01
C MET A 60 10.11 -30.96 -5.08
N GLY A 61 10.71 -31.65 -6.05
CA GLY A 61 11.44 -31.06 -7.16
C GLY A 61 10.58 -30.21 -8.06
N ILE A 62 9.36 -30.71 -8.37
CA ILE A 62 8.36 -30.06 -9.23
C ILE A 62 7.88 -28.76 -8.56
N VAL A 63 7.53 -28.83 -7.25
CA VAL A 63 7.03 -27.70 -6.46
C VAL A 63 8.09 -26.59 -6.41
N MET A 64 9.34 -26.94 -6.04
CA MET A 64 10.49 -26.03 -5.94
C MET A 64 10.81 -25.36 -7.28
N SER A 65 10.66 -26.09 -8.42
CA SER A 65 10.90 -25.57 -9.76
C SER A 65 9.89 -24.49 -10.15
N LEU A 66 8.60 -24.67 -9.77
CA LEU A 66 7.52 -23.72 -10.04
C LEU A 66 7.69 -22.43 -9.22
N ILE A 67 8.21 -22.54 -7.97
CA ILE A 67 8.49 -21.42 -7.06
C ILE A 67 9.56 -20.53 -7.71
N VAL A 68 10.63 -21.14 -8.28
CA VAL A 68 11.74 -20.43 -8.96
C VAL A 68 11.18 -19.65 -10.16
N LEU A 69 10.38 -20.30 -11.03
CA LEU A 69 9.78 -19.70 -12.23
C LEU A 69 8.86 -18.52 -11.89
N ALA A 70 8.06 -18.63 -10.80
CA ALA A 70 7.14 -17.60 -10.33
C ALA A 70 7.88 -16.34 -9.83
N ILE A 71 9.05 -16.54 -9.19
CA ILE A 71 9.87 -15.46 -8.66
C ILE A 71 10.63 -14.75 -9.79
N VAL A 72 11.21 -15.52 -10.75
CA VAL A 72 11.99 -14.99 -11.87
C VAL A 72 11.08 -14.23 -12.84
N PHE A 73 10.08 -14.90 -13.47
CA PHE A 73 9.16 -14.27 -14.43
C PHE A 73 8.32 -13.16 -13.81
N GLY A 74 7.97 -13.30 -12.53
CA GLY A 74 7.18 -12.32 -11.79
C GLY A 74 7.88 -10.99 -11.60
N ASN A 75 9.12 -11.03 -11.09
CA ASN A 75 9.91 -9.83 -10.83
C ASN A 75 10.54 -9.24 -12.10
N VAL A 76 10.65 -10.05 -13.18
CA VAL A 76 11.15 -9.59 -14.48
C VAL A 76 10.08 -8.65 -15.08
N LEU A 77 8.79 -9.04 -14.94
CA LEU A 77 7.63 -8.30 -15.41
C LEU A 77 7.47 -6.95 -14.69
N VAL A 78 7.80 -6.88 -13.39
CA VAL A 78 7.70 -5.66 -12.55
C VAL A 78 8.74 -4.62 -13.03
N ILE A 79 10.04 -5.00 -13.06
CA ILE A 79 11.17 -4.17 -13.47
C ILE A 79 10.95 -3.61 -14.91
N THR A 80 10.49 -4.47 -15.86
CA THR A 80 10.23 -4.10 -17.26
C THR A 80 9.11 -3.05 -17.36
N ALA A 81 8.03 -3.21 -16.56
CA ALA A 81 6.89 -2.29 -16.53
C ALA A 81 7.31 -0.87 -16.11
N ILE A 82 8.20 -0.75 -15.10
CA ILE A 82 8.68 0.55 -14.60
C ILE A 82 9.65 1.17 -15.63
N ALA A 83 10.59 0.38 -16.16
CA ALA A 83 11.62 0.80 -17.12
C ALA A 83 11.07 1.32 -18.46
N LYS A 84 9.88 0.85 -18.89
CA LYS A 84 9.28 1.23 -20.18
C LYS A 84 8.14 2.26 -20.06
N PHE A 85 7.22 2.10 -19.08
CA PHE A 85 6.09 2.99 -18.89
C PHE A 85 6.51 4.24 -18.13
N GLU A 86 6.23 5.41 -18.73
CA GLU A 86 6.57 6.75 -18.24
C GLU A 86 5.90 7.08 -16.91
N ARG A 87 4.59 6.79 -16.78
CA ARG A 87 3.78 7.07 -15.59
C ARG A 87 4.23 6.25 -14.36
N LEU A 88 4.84 5.08 -14.57
CA LEU A 88 5.32 4.21 -13.50
C LEU A 88 6.73 4.59 -13.01
N GLN A 89 7.27 5.72 -13.49
CA GLN A 89 8.60 6.20 -13.11
C GLN A 89 8.48 7.27 -12.03
N THR A 90 8.25 6.81 -10.79
CA THR A 90 8.10 7.65 -9.60
C THR A 90 9.14 7.24 -8.55
N VAL A 91 9.38 8.12 -7.56
CA VAL A 91 10.32 7.93 -6.45
C VAL A 91 9.94 6.63 -5.68
N THR A 92 8.63 6.43 -5.40
CA THR A 92 8.12 5.24 -4.71
C THR A 92 8.34 3.97 -5.56
N ASN A 93 8.16 4.08 -6.90
CA ASN A 93 8.38 2.94 -7.80
C ASN A 93 9.87 2.63 -7.99
N TYR A 94 10.77 3.60 -7.68
CA TYR A 94 12.22 3.39 -7.73
C TYR A 94 12.66 2.49 -6.58
N PHE A 95 12.02 2.62 -5.39
CA PHE A 95 12.30 1.79 -4.21
C PHE A 95 11.71 0.39 -4.41
N ILE A 96 10.58 0.29 -5.16
CA ILE A 96 9.93 -0.99 -5.49
C ILE A 96 10.86 -1.80 -6.45
N THR A 97 11.57 -1.09 -7.37
CA THR A 97 12.55 -1.65 -8.31
C THR A 97 13.73 -2.27 -7.52
N SER A 98 14.17 -1.59 -6.44
CA SER A 98 15.24 -2.05 -5.53
C SER A 98 14.81 -3.34 -4.80
N LEU A 99 13.53 -3.40 -4.41
CA LEU A 99 12.90 -4.54 -3.72
C LEU A 99 12.74 -5.72 -4.69
N ALA A 100 12.35 -5.44 -5.96
CA ALA A 100 12.15 -6.44 -7.03
C ALA A 100 13.48 -7.02 -7.52
N CYS A 101 14.58 -6.23 -7.46
CA CYS A 101 15.93 -6.64 -7.85
C CYS A 101 16.45 -7.70 -6.88
N ALA A 102 16.23 -7.50 -5.56
CA ALA A 102 16.63 -8.40 -4.48
C ALA A 102 15.89 -9.72 -4.56
N ASP A 103 14.60 -9.70 -4.93
CA ASP A 103 13.74 -10.88 -5.09
C ASP A 103 14.14 -11.68 -6.34
N LEU A 104 14.58 -10.99 -7.42
CA LEU A 104 15.03 -11.61 -8.67
C LEU A 104 16.37 -12.30 -8.47
N VAL A 105 17.31 -11.66 -7.74
CA VAL A 105 18.65 -12.16 -7.40
C VAL A 105 18.46 -13.39 -6.48
N MET A 106 17.43 -13.35 -5.61
CA MET A 106 17.05 -14.42 -4.69
C MET A 106 16.57 -15.66 -5.46
N GLY A 107 15.75 -15.45 -6.49
CA GLY A 107 15.20 -16.53 -7.31
C GLY A 107 16.11 -17.12 -8.36
N LEU A 108 17.20 -16.43 -8.71
CA LEU A 108 18.16 -16.88 -9.73
C LEU A 108 19.44 -17.46 -9.15
N ALA A 109 19.98 -16.87 -8.07
CA ALA A 109 21.26 -17.26 -7.48
C ALA A 109 21.17 -17.85 -6.06
N VAL A 110 20.03 -17.72 -5.37
CA VAL A 110 19.89 -18.24 -4.00
C VAL A 110 19.01 -19.50 -3.97
N VAL A 111 17.71 -19.36 -4.30
CA VAL A 111 16.70 -20.43 -4.31
C VAL A 111 17.14 -21.65 -5.18
N PRO A 112 17.70 -21.51 -6.42
CA PRO A 112 18.11 -22.70 -7.19
C PRO A 112 19.17 -23.57 -6.50
N PHE A 113 20.22 -22.97 -5.91
CA PHE A 113 21.29 -23.71 -5.22
C PHE A 113 20.81 -24.32 -3.90
N GLY A 114 19.82 -23.68 -3.27
CA GLY A 114 19.23 -24.16 -2.03
C GLY A 114 18.34 -25.36 -2.25
N ALA A 115 17.66 -25.40 -3.42
CA ALA A 115 16.77 -26.49 -3.84
C ALA A 115 17.56 -27.76 -4.12
N ALA A 116 18.75 -27.62 -4.74
CA ALA A 116 19.66 -28.72 -5.07
C ALA A 116 20.24 -29.34 -3.79
N HIS A 117 20.53 -28.51 -2.77
CA HIS A 117 21.08 -28.89 -1.46
C HIS A 117 20.10 -29.77 -0.66
N ILE A 118 18.78 -29.58 -0.87
CA ILE A 118 17.72 -30.33 -0.19
C ILE A 118 17.47 -31.68 -0.91
N LEU A 119 17.32 -31.64 -2.25
CA LEU A 119 17.03 -32.83 -3.07
C LEU A 119 18.20 -33.82 -3.10
N MET A 120 19.46 -33.34 -3.09
CA MET A 120 20.65 -34.19 -3.13
C MET A 120 21.14 -34.56 -1.72
N LYS A 121 20.68 -33.82 -0.68
CA LYS A 121 21.02 -33.97 0.74
C LYS A 121 22.54 -33.79 0.99
N MET A 122 23.22 -33.02 0.12
CA MET A 122 24.65 -32.71 0.18
C MET A 122 24.99 -31.45 -0.65
N TRP A 123 26.16 -30.86 -0.40
CA TRP A 123 26.64 -29.68 -1.11
C TRP A 123 27.68 -30.10 -2.16
N THR A 124 27.39 -29.84 -3.45
CA THR A 124 28.28 -30.22 -4.56
C THR A 124 28.78 -28.98 -5.32
N PHE A 125 29.04 -27.86 -4.59
CA PHE A 125 29.47 -26.59 -5.20
C PHE A 125 30.74 -25.99 -4.55
N GLY A 126 31.35 -26.73 -3.63
CA GLY A 126 32.58 -26.33 -2.96
C GLY A 126 32.40 -25.36 -1.80
N ASN A 127 33.51 -25.03 -1.13
CA ASN A 127 33.51 -24.14 0.03
C ASN A 127 33.49 -22.66 -0.36
N PHE A 128 33.95 -22.31 -1.58
CA PHE A 128 33.97 -20.92 -2.06
C PHE A 128 32.57 -20.44 -2.40
N TRP A 129 31.80 -21.22 -3.19
CA TRP A 129 30.45 -20.85 -3.57
C TRP A 129 29.50 -20.95 -2.37
N CYS A 130 29.81 -21.80 -1.36
CA CYS A 130 29.00 -21.93 -0.15
C CYS A 130 28.95 -20.60 0.63
N GLU A 131 30.14 -20.01 0.93
CA GLU A 131 30.28 -18.75 1.65
C GLU A 131 29.77 -17.56 0.81
N PHE A 132 29.88 -17.65 -0.52
CA PHE A 132 29.43 -16.60 -1.43
C PHE A 132 27.90 -16.62 -1.57
N TRP A 133 27.29 -17.82 -1.61
CA TRP A 133 25.85 -18.06 -1.69
C TRP A 133 25.15 -17.56 -0.43
N THR A 134 25.78 -17.80 0.74
CA THR A 134 25.29 -17.39 2.06
C THR A 134 25.35 -15.86 2.18
N SER A 135 26.39 -15.22 1.61
CA SER A 135 26.61 -13.78 1.61
C SER A 135 25.54 -13.05 0.79
N ILE A 136 25.17 -13.62 -0.38
CA ILE A 136 24.15 -13.07 -1.28
C ILE A 136 22.77 -13.21 -0.61
N ASP A 137 22.49 -14.39 0.01
CA ASP A 137 21.24 -14.70 0.72
C ASP A 137 20.94 -13.64 1.78
N VAL A 138 21.92 -13.35 2.65
CA VAL A 138 21.82 -12.38 3.74
C VAL A 138 21.64 -10.96 3.15
N LEU A 139 22.46 -10.58 2.14
CA LEU A 139 22.41 -9.27 1.47
C LEU A 139 21.02 -8.99 0.88
N CYS A 140 20.36 -10.03 0.34
CA CYS A 140 19.02 -9.93 -0.24
C CYS A 140 17.97 -9.65 0.83
N VAL A 141 18.06 -10.33 2.00
CA VAL A 141 17.11 -10.16 3.12
C VAL A 141 17.33 -8.78 3.79
N THR A 142 18.60 -8.41 4.06
CA THR A 142 19.01 -7.14 4.69
C THR A 142 18.56 -5.93 3.86
N ALA A 143 18.79 -5.96 2.52
CA ALA A 143 18.43 -4.86 1.62
C ALA A 143 16.92 -4.71 1.46
N SER A 144 16.14 -5.81 1.51
CA SER A 144 14.68 -5.81 1.33
C SER A 144 13.95 -5.09 2.48
N ILE A 145 14.27 -5.43 3.76
CA ILE A 145 13.65 -4.82 4.95
C ILE A 145 14.09 -3.35 5.13
N TRP A 146 15.34 -3.02 4.74
CA TRP A 146 15.85 -1.65 4.83
C TRP A 146 15.21 -0.79 3.74
N THR A 147 14.86 -1.40 2.57
CA THR A 147 14.17 -0.68 1.49
C THR A 147 12.73 -0.38 1.94
N LEU A 148 12.07 -1.35 2.60
CA LEU A 148 10.70 -1.21 3.14
C LEU A 148 10.64 -0.18 4.26
N CYS A 149 11.75 -0.02 5.00
CA CYS A 149 11.90 0.96 6.08
C CYS A 149 11.98 2.37 5.50
N VAL A 150 12.73 2.54 4.39
CA VAL A 150 12.92 3.83 3.69
C VAL A 150 11.58 4.30 3.11
N ILE A 151 10.75 3.38 2.57
CA ILE A 151 9.42 3.69 2.01
C ILE A 151 8.51 4.27 3.13
N ALA A 152 8.49 3.62 4.32
CA ALA A 152 7.68 4.05 5.47
C ALA A 152 8.02 5.48 5.90
N VAL A 153 9.34 5.81 5.96
CA VAL A 153 9.88 7.13 6.35
C VAL A 153 9.51 8.17 5.26
N ASP A 154 9.73 7.84 3.96
CA ASP A 154 9.43 8.71 2.82
C ASP A 154 7.93 9.04 2.73
N ARG A 155 7.06 8.03 2.97
CA ARG A 155 5.60 8.20 2.95
C ARG A 155 5.14 9.06 4.15
N TYR A 156 5.93 9.07 5.25
CA TYR A 156 5.61 9.89 6.43
C TYR A 156 5.90 11.36 6.14
N PHE A 157 7.08 11.66 5.56
CA PHE A 157 7.47 13.02 5.22
C PHE A 157 6.57 13.63 4.14
N ALA A 158 5.98 12.79 3.28
CA ALA A 158 5.09 13.23 2.22
C ALA A 158 3.70 13.57 2.76
N ILE A 159 3.13 12.72 3.67
CA ILE A 159 1.79 12.92 4.25
C ILE A 159 1.78 14.10 5.24
N THR A 160 2.94 14.45 5.81
CA THR A 160 3.05 15.55 6.78
C THR A 160 3.50 16.87 6.11
N SER A 161 3.57 16.89 4.76
CA SER A 161 3.98 18.07 3.98
C SER A 161 2.77 18.69 3.22
N PRO A 162 2.85 19.95 2.71
CA PRO A 162 1.71 20.53 1.98
C PRO A 162 1.45 19.90 0.61
N PHE A 163 2.38 19.06 0.12
CA PHE A 163 2.27 18.36 -1.16
C PHE A 163 1.40 17.10 -1.01
N LYS A 164 1.24 16.65 0.25
CA LYS A 164 0.44 15.53 0.78
C LYS A 164 0.78 14.13 0.21
N TYR A 165 0.86 13.94 -1.12
CA TYR A 165 1.14 12.61 -1.66
C TYR A 165 2.37 12.57 -2.60
N GLN A 166 3.21 13.61 -2.55
CA GLN A 166 4.43 13.70 -3.34
C GLN A 166 5.66 13.63 -2.44
N SER A 167 6.64 12.79 -2.83
CA SER A 167 7.89 12.59 -2.08
C SER A 167 8.72 13.87 -2.11
N LEU A 168 9.30 14.24 -0.96
CA LEU A 168 10.10 15.45 -0.84
C LEU A 168 11.52 15.25 -1.42
N LEU A 169 11.84 14.02 -1.86
CA LEU A 169 13.12 13.68 -2.49
C LEU A 169 12.98 13.72 -4.00
N THR A 170 14.07 14.08 -4.71
CA THR A 170 14.12 14.10 -6.17
C THR A 170 14.48 12.70 -6.67
N LYS A 171 14.33 12.46 -7.99
CA LYS A 171 14.64 11.18 -8.63
C LYS A 171 16.15 10.87 -8.57
N ASN A 172 17.00 11.92 -8.45
CA ASN A 172 18.46 11.82 -8.34
C ASN A 172 18.88 11.43 -6.92
N LYS A 173 18.18 12.00 -5.90
CA LYS A 173 18.44 11.73 -4.48
C LYS A 173 18.01 10.30 -4.11
N ALA A 174 16.86 9.84 -4.63
CA ALA A 174 16.33 8.49 -4.41
C ALA A 174 17.30 7.42 -4.91
N ARG A 175 17.95 7.67 -6.09
CA ARG A 175 18.94 6.78 -6.73
C ARG A 175 20.16 6.61 -5.82
N VAL A 176 20.54 7.67 -5.09
CA VAL A 176 21.66 7.70 -4.15
C VAL A 176 21.29 6.88 -2.92
N ILE A 177 20.06 7.06 -2.39
CA ILE A 177 19.52 6.33 -1.22
C ILE A 177 19.54 4.82 -1.51
N ILE A 178 19.02 4.39 -2.68
CA ILE A 178 18.97 2.98 -3.11
C ILE A 178 20.41 2.42 -3.22
N LEU A 179 21.35 3.21 -3.76
CA LEU A 179 22.75 2.81 -3.89
C LEU A 179 23.42 2.68 -2.52
N MET A 180 23.14 3.63 -1.59
CA MET A 180 23.69 3.60 -0.23
C MET A 180 23.16 2.41 0.54
N VAL A 181 21.85 2.07 0.37
CA VAL A 181 21.17 0.94 1.01
C VAL A 181 21.90 -0.37 0.64
N TRP A 182 22.19 -0.57 -0.66
CA TRP A 182 22.87 -1.76 -1.19
C TRP A 182 24.36 -1.82 -0.83
N ILE A 183 25.07 -0.67 -0.80
CA ILE A 183 26.50 -0.63 -0.47
C ILE A 183 26.70 -0.96 1.02
N VAL A 184 25.99 -0.25 1.92
CA VAL A 184 26.09 -0.43 3.37
C VAL A 184 25.66 -1.87 3.76
N SER A 185 24.53 -2.38 3.20
CA SER A 185 24.05 -3.74 3.47
C SER A 185 24.98 -4.80 2.82
N GLY A 186 25.74 -4.40 1.80
CA GLY A 186 26.72 -5.26 1.12
C GLY A 186 27.93 -5.53 1.98
N LEU A 187 28.32 -4.52 2.79
CA LEU A 187 29.44 -4.55 3.72
C LEU A 187 29.10 -5.34 4.99
N THR A 188 27.89 -5.16 5.55
CA THR A 188 27.44 -5.85 6.77
C THR A 188 27.09 -7.33 6.50
N SER A 189 27.00 -7.74 5.22
CA SER A 189 26.66 -9.11 4.82
C SER A 189 27.87 -9.92 4.36
N PHE A 190 28.73 -9.35 3.48
CA PHE A 190 29.89 -10.04 2.92
C PHE A 190 31.10 -10.08 3.87
N LEU A 191 31.46 -8.94 4.51
CA LEU A 191 32.64 -8.86 5.40
C LEU A 191 32.55 -9.81 6.62
N PRO A 192 31.47 -9.90 7.44
CA PRO A 192 31.50 -10.81 8.60
C PRO A 192 31.54 -12.30 8.21
N ILE A 193 31.14 -12.64 6.98
CA ILE A 193 31.12 -14.02 6.48
C ILE A 193 32.46 -14.38 5.77
N GLN A 194 32.96 -13.52 4.85
CA GLN A 194 34.22 -13.78 4.14
C GLN A 194 35.44 -13.68 5.08
N MET A 195 35.39 -12.82 6.13
CA MET A 195 36.47 -12.67 7.11
C MET A 195 36.40 -13.77 8.19
N HIS A 196 35.32 -14.57 8.16
CA HIS A 196 35.00 -15.70 9.05
C HIS A 196 34.83 -15.25 10.51
N TRP A 197 34.06 -14.17 10.73
CA TRP A 197 33.73 -13.63 12.04
C TRP A 197 32.49 -14.34 12.60
N TYR A 198 31.75 -15.03 11.71
CA TYR A 198 30.50 -15.73 11.98
C TYR A 198 30.72 -17.14 12.54
N ARG A 199 31.81 -17.81 12.10
CA ARG A 199 32.17 -19.21 12.40
C ARG A 199 32.13 -19.59 13.89
N ALA A 200 31.41 -20.70 14.18
CA ALA A 200 31.26 -21.30 15.50
C ALA A 200 32.49 -22.13 15.83
N THR A 201 32.75 -22.38 17.13
CA THR A 201 33.95 -23.09 17.60
C THR A 201 33.70 -24.55 18.01
N HIS A 202 32.44 -25.06 17.93
CA HIS A 202 32.17 -26.44 18.31
C HIS A 202 32.60 -27.39 17.19
N GLN A 203 32.91 -28.65 17.55
CA GLN A 203 33.40 -29.71 16.66
C GLN A 203 32.49 -29.97 15.45
N GLU A 204 31.15 -29.97 15.65
CA GLU A 204 30.17 -30.20 14.57
C GLU A 204 30.25 -29.11 13.49
N ALA A 205 30.64 -27.88 13.86
CA ALA A 205 30.77 -26.75 12.94
C ALA A 205 32.10 -26.78 12.19
N ILE A 206 33.23 -26.98 12.92
CA ILE A 206 34.60 -27.02 12.38
C ILE A 206 34.72 -28.10 11.29
N ASN A 207 34.13 -29.30 11.54
CA ASN A 207 34.13 -30.41 10.58
C ASN A 207 33.34 -30.06 9.31
N CYS A 208 32.22 -29.31 9.45
CA CYS A 208 31.37 -28.89 8.34
C CYS A 208 32.08 -27.86 7.45
N TYR A 209 32.90 -26.97 8.06
CA TYR A 209 33.66 -25.94 7.32
C TYR A 209 34.75 -26.59 6.46
N ALA A 210 35.50 -27.55 7.04
CA ALA A 210 36.57 -28.30 6.37
C ALA A 210 36.04 -29.14 5.20
N GLU A 211 34.89 -29.81 5.40
CA GLU A 211 34.25 -30.65 4.38
C GLU A 211 33.72 -29.80 3.23
N GLU A 212 34.05 -30.21 2.00
CA GLU A 212 33.64 -29.54 0.75
C GLU A 212 32.19 -29.92 0.40
N THR A 213 31.63 -30.92 1.12
CA THR A 213 30.27 -31.45 0.93
C THR A 213 29.31 -31.02 2.06
N CYS A 214 29.71 -30.01 2.88
CA CYS A 214 28.87 -29.50 3.96
C CYS A 214 28.76 -27.98 3.89
N CYS A 215 27.52 -27.49 3.76
CA CYS A 215 27.21 -26.06 3.73
C CYS A 215 25.98 -25.80 4.61
N ASP A 216 26.13 -26.11 5.91
CA ASP A 216 25.11 -25.89 6.93
C ASP A 216 25.49 -24.62 7.68
N PHE A 217 24.55 -23.67 7.79
CA PHE A 217 24.79 -22.37 8.42
C PHE A 217 24.93 -22.48 9.95
N PHE A 218 26.19 -22.59 10.41
CA PHE A 218 26.59 -22.64 11.82
C PHE A 218 27.19 -21.30 12.20
N THR A 219 26.60 -20.60 13.18
CA THR A 219 27.09 -19.29 13.60
C THR A 219 27.34 -19.22 15.10
N ASN A 220 28.26 -18.34 15.52
CA ASN A 220 28.53 -18.10 16.93
C ASN A 220 27.38 -17.28 17.49
N GLN A 221 27.01 -17.52 18.76
CA GLN A 221 25.90 -16.87 19.46
C GLN A 221 25.98 -15.34 19.43
N ALA A 222 27.19 -14.76 19.27
CA ALA A 222 27.40 -13.32 19.18
C ALA A 222 26.94 -12.76 17.81
N TYR A 223 27.25 -13.46 16.70
CA TYR A 223 26.88 -13.09 15.32
C TYR A 223 25.36 -13.21 15.13
N ALA A 224 24.76 -14.32 15.63
CA ALA A 224 23.34 -14.63 15.54
C ALA A 224 22.46 -13.55 16.19
N ILE A 225 22.96 -12.87 17.23
CA ILE A 225 22.23 -11.80 17.92
C ILE A 225 22.52 -10.45 17.25
N ALA A 226 23.80 -10.11 17.03
CA ALA A 226 24.22 -8.83 16.43
C ALA A 226 23.67 -8.63 15.01
N SER A 227 23.87 -9.63 14.12
CA SER A 227 23.43 -9.56 12.72
C SER A 227 21.89 -9.60 12.58
N SER A 228 21.15 -10.22 13.53
CA SER A 228 19.68 -10.27 13.48
C SER A 228 19.07 -8.91 13.81
N ILE A 229 19.63 -8.21 14.83
CA ILE A 229 19.18 -6.91 15.32
C ILE A 229 19.38 -5.83 14.23
N VAL A 230 20.62 -5.65 13.72
CA VAL A 230 20.96 -4.62 12.74
C VAL A 230 20.31 -4.92 11.35
N SER A 231 20.34 -6.19 10.87
CA SER A 231 19.77 -6.54 9.55
C SER A 231 18.24 -6.63 9.53
N PHE A 232 17.59 -7.18 10.57
CA PHE A 232 16.14 -7.39 10.55
C PHE A 232 15.32 -6.58 11.57
N TYR A 233 15.58 -6.72 12.88
CA TYR A 233 14.78 -6.12 13.96
C TYR A 233 14.78 -4.58 14.01
N VAL A 234 15.95 -3.92 13.84
CA VAL A 234 16.07 -2.45 13.87
C VAL A 234 15.18 -1.83 12.76
N PRO A 235 15.32 -2.17 11.43
CA PRO A 235 14.42 -1.56 10.44
C PRO A 235 12.94 -1.93 10.61
N LEU A 236 12.64 -3.15 11.11
CA LEU A 236 11.27 -3.66 11.33
C LEU A 236 10.50 -2.84 12.39
N VAL A 237 11.14 -2.51 13.53
CA VAL A 237 10.51 -1.74 14.63
C VAL A 237 10.23 -0.30 14.14
N ILE A 238 11.19 0.30 13.38
CA ILE A 238 11.07 1.64 12.79
C ILE A 238 9.93 1.64 11.73
N MET A 239 9.98 0.72 10.74
CA MET A 239 9.00 0.56 9.66
C MET A 239 7.57 0.44 10.19
N VAL A 240 7.34 -0.43 11.21
CA VAL A 240 6.03 -0.67 11.85
C VAL A 240 5.53 0.62 12.54
N PHE A 241 6.37 1.26 13.38
CA PHE A 241 6.02 2.48 14.11
C PHE A 241 5.76 3.68 13.18
N VAL A 242 6.64 3.91 12.18
CA VAL A 242 6.54 5.04 11.25
C VAL A 242 5.32 4.88 10.31
N TYR A 243 5.07 3.67 9.74
CA TYR A 243 3.94 3.47 8.83
C TYR A 243 2.58 3.40 9.54
N SER A 244 2.55 3.17 10.87
CA SER A 244 1.31 3.18 11.62
C SER A 244 0.81 4.64 11.76
N ARG A 245 1.76 5.60 11.73
CA ARG A 245 1.52 7.05 11.77
C ARG A 245 1.01 7.56 10.43
N VAL A 246 1.52 7.00 9.29
CA VAL A 246 1.14 7.37 7.93
C VAL A 246 -0.37 7.08 7.72
N PHE A 247 -0.83 5.91 8.21
CA PHE A 247 -2.25 5.51 8.15
C PHE A 247 -3.11 6.40 9.06
N GLN A 248 -2.53 6.88 10.19
CA GLN A 248 -3.20 7.76 11.17
C GLN A 248 -3.39 9.16 10.59
N GLU A 249 -2.31 9.74 10.01
CA GLU A 249 -2.30 11.09 9.41
C GLU A 249 -3.30 11.21 8.26
N ALA A 250 -3.36 10.19 7.37
CA ALA A 250 -4.24 10.13 6.20
C ALA A 250 -5.73 10.19 6.58
N LYS A 251 -6.13 9.41 7.61
CA LYS A 251 -7.51 9.34 8.12
C LYS A 251 -7.91 10.66 8.79
N ARG A 252 -6.97 11.27 9.54
CA ARG A 252 -7.11 12.53 10.30
C ARG A 252 -7.16 13.76 9.38
N GLN A 253 -6.38 13.76 8.28
CA GLN A 253 -6.29 14.89 7.35
C GLN A 253 -7.38 14.89 6.24
N LEU A 254 -8.40 14.01 6.36
CA LEU A 254 -9.52 13.96 5.42
C LEU A 254 -10.43 15.18 5.63
N ASN A 255 -10.81 15.85 4.54
CA ASN A 255 -11.65 17.05 4.55
C ASN A 255 -12.93 16.84 3.73
N ILE A 256 -13.77 17.89 3.57
CA ILE A 256 -15.02 17.88 2.81
C ILE A 256 -14.72 17.72 1.30
N PHE A 257 -13.60 18.29 0.82
CA PHE A 257 -13.17 18.26 -0.58
C PHE A 257 -12.79 16.83 -1.00
N GLU A 258 -12.10 16.09 -0.12
CA GLU A 258 -11.71 14.71 -0.36
C GLU A 258 -12.92 13.79 -0.19
N MET A 259 -13.85 14.17 0.72
CA MET A 259 -15.08 13.45 1.04
C MET A 259 -16.01 13.37 -0.18
N LEU A 260 -16.30 14.52 -0.80
CA LEU A 260 -17.20 14.62 -1.95
C LEU A 260 -16.57 14.04 -3.22
N ARG A 261 -15.23 14.06 -3.36
CA ARG A 261 -14.56 13.48 -4.52
C ARG A 261 -14.73 11.95 -4.50
N ILE A 262 -14.91 11.37 -3.30
CA ILE A 262 -15.15 9.93 -3.10
C ILE A 262 -16.60 9.60 -3.52
N ASP A 263 -17.58 10.37 -3.02
CA ASP A 263 -19.01 10.16 -3.26
C ASP A 263 -19.47 10.52 -4.68
N GLU A 264 -19.08 11.71 -5.19
CA GLU A 264 -19.49 12.21 -6.51
C GLU A 264 -18.58 11.73 -7.66
N GLY A 265 -17.28 11.56 -7.39
CA GLY A 265 -16.31 11.15 -8.38
C GLY A 265 -15.78 12.29 -9.21
N LEU A 266 -14.91 11.98 -10.20
CA LEU A 266 -14.32 12.98 -11.09
C LEU A 266 -14.36 12.50 -12.53
N ARG A 267 -15.14 13.21 -13.36
CA ARG A 267 -15.31 12.93 -14.80
C ARG A 267 -15.23 14.24 -15.56
N LEU A 268 -14.29 14.33 -16.52
CA LEU A 268 -14.07 15.55 -17.30
C LEU A 268 -15.01 15.65 -18.52
N LYS A 269 -15.85 14.62 -18.75
CA LYS A 269 -16.83 14.57 -19.83
C LYS A 269 -18.25 14.61 -19.26
N ILE A 270 -19.21 15.24 -19.98
CA ILE A 270 -20.61 15.33 -19.55
C ILE A 270 -21.20 13.92 -19.53
N TYR A 271 -21.57 13.44 -18.33
CA TYR A 271 -22.15 12.12 -18.13
C TYR A 271 -23.61 12.23 -17.65
N LYS A 272 -24.26 11.08 -17.45
CA LYS A 272 -25.65 11.02 -17.00
C LYS A 272 -25.71 10.67 -15.52
N ASP A 273 -26.49 11.46 -14.77
CA ASP A 273 -26.75 11.31 -13.33
C ASP A 273 -27.55 10.03 -13.08
N THR A 274 -27.65 9.59 -11.81
CA THR A 274 -28.43 8.40 -11.42
C THR A 274 -29.94 8.69 -11.63
N GLU A 275 -30.30 9.99 -11.75
CA GLU A 275 -31.66 10.47 -11.99
C GLU A 275 -31.81 10.99 -13.44
N GLY A 276 -30.82 10.67 -14.27
CA GLY A 276 -30.79 11.02 -15.70
C GLY A 276 -30.53 12.47 -16.05
N TYR A 277 -29.88 13.23 -15.16
CA TYR A 277 -29.54 14.63 -15.41
C TYR A 277 -28.14 14.77 -16.00
N TYR A 278 -27.83 15.93 -16.61
CA TYR A 278 -26.51 16.18 -17.18
C TYR A 278 -25.58 16.73 -16.08
N THR A 279 -24.46 16.03 -15.85
CA THR A 279 -23.47 16.33 -14.82
C THR A 279 -22.05 16.35 -15.41
N ILE A 280 -21.13 17.14 -14.82
CA ILE A 280 -19.72 17.24 -15.21
C ILE A 280 -18.86 17.53 -13.96
N GLY A 281 -17.67 16.93 -13.90
CA GLY A 281 -16.74 17.10 -12.80
C GLY A 281 -17.13 16.36 -11.54
N ILE A 282 -17.00 17.04 -10.39
CA ILE A 282 -17.34 16.48 -9.09
C ILE A 282 -18.78 16.91 -8.72
N GLY A 283 -19.74 16.10 -9.15
CA GLY A 283 -21.17 16.26 -8.93
C GLY A 283 -21.82 17.59 -9.31
N HIS A 284 -21.23 18.31 -10.28
CA HIS A 284 -21.77 19.60 -10.72
C HIS A 284 -22.83 19.39 -11.81
N LEU A 285 -24.11 19.56 -11.43
CA LEU A 285 -25.27 19.42 -12.30
C LEU A 285 -25.37 20.64 -13.23
N LEU A 286 -25.51 20.36 -14.54
CA LEU A 286 -25.62 21.39 -15.57
C LEU A 286 -27.08 21.79 -15.80
N THR A 287 -27.95 20.81 -16.12
CA THR A 287 -29.38 21.04 -16.38
C THR A 287 -30.24 19.77 -16.18
N LYS A 288 -31.55 19.97 -15.98
CA LYS A 288 -32.56 18.92 -15.82
C LYS A 288 -33.10 18.50 -17.20
N SER A 289 -33.08 19.46 -18.15
CA SER A 289 -33.56 19.31 -19.53
C SER A 289 -32.78 18.23 -20.30
N PRO A 290 -33.47 17.36 -21.08
CA PRO A 290 -32.75 16.33 -21.84
C PRO A 290 -32.22 16.89 -23.16
N SER A 291 -31.32 17.88 -23.06
CA SER A 291 -30.68 18.53 -24.21
C SER A 291 -29.17 18.64 -23.98
N LEU A 292 -28.38 17.96 -24.83
CA LEU A 292 -26.92 17.97 -24.78
C LEU A 292 -26.37 19.35 -25.17
N ASN A 293 -27.08 20.05 -26.08
CA ASN A 293 -26.71 21.40 -26.54
C ASN A 293 -26.92 22.43 -25.42
N ALA A 294 -28.03 22.31 -24.67
CA ALA A 294 -28.35 23.19 -23.52
C ALA A 294 -27.38 22.93 -22.37
N ALA A 295 -26.96 21.65 -22.20
CA ALA A 295 -25.99 21.23 -21.18
C ALA A 295 -24.60 21.77 -21.54
N LYS A 296 -24.29 21.82 -22.85
CA LYS A 296 -23.04 22.36 -23.38
C LYS A 296 -23.06 23.88 -23.28
N SER A 297 -24.27 24.50 -23.42
CA SER A 297 -24.47 25.95 -23.32
C SER A 297 -24.25 26.44 -21.88
N GLU A 298 -24.73 25.68 -20.88
CA GLU A 298 -24.57 25.99 -19.45
C GLU A 298 -23.10 25.86 -19.04
N LEU A 299 -22.36 24.92 -19.68
CA LEU A 299 -20.94 24.65 -19.45
C LEU A 299 -20.05 25.72 -20.11
N ASP A 300 -20.34 26.05 -21.41
CA ASP A 300 -19.60 27.04 -22.19
C ASP A 300 -19.73 28.45 -21.61
N LYS A 301 -20.84 28.75 -20.90
CA LYS A 301 -21.10 30.05 -20.29
C LYS A 301 -20.47 30.18 -18.90
N ALA A 302 -20.60 29.13 -18.04
CA ALA A 302 -20.07 29.09 -16.68
C ALA A 302 -18.55 29.24 -16.64
N ILE A 303 -17.84 28.68 -17.63
CA ILE A 303 -16.38 28.75 -17.76
C ILE A 303 -16.01 29.95 -18.65
N GLY A 304 -16.87 30.27 -19.62
CA GLY A 304 -16.66 31.37 -20.55
C GLY A 304 -15.59 31.04 -21.57
N ARG A 305 -15.66 29.81 -22.12
CA ARG A 305 -14.69 29.27 -23.08
C ARG A 305 -15.39 28.26 -24.01
N ASN A 306 -14.66 27.81 -25.05
CA ASN A 306 -15.11 26.81 -26.02
C ASN A 306 -14.76 25.42 -25.47
N THR A 307 -15.62 24.91 -24.58
CA THR A 307 -15.44 23.62 -23.89
C THR A 307 -15.62 22.43 -24.82
N ASN A 308 -16.76 22.39 -25.57
CA ASN A 308 -17.18 21.33 -26.49
C ASN A 308 -17.42 20.01 -25.73
N GLY A 309 -17.90 20.13 -24.49
CA GLY A 309 -18.23 19.01 -23.62
C GLY A 309 -17.10 18.45 -22.76
N VAL A 310 -15.85 18.83 -23.06
CA VAL A 310 -14.66 18.36 -22.34
C VAL A 310 -14.02 19.53 -21.57
N ILE A 311 -13.60 19.27 -20.32
CA ILE A 311 -12.96 20.23 -19.42
C ILE A 311 -11.64 19.64 -18.88
N THR A 312 -10.80 20.48 -18.22
CA THR A 312 -9.52 20.03 -17.66
C THR A 312 -9.61 19.83 -16.14
N LYS A 313 -8.58 19.18 -15.55
CA LYS A 313 -8.46 18.90 -14.11
C LYS A 313 -8.37 20.18 -13.28
N ASP A 314 -7.79 21.25 -13.88
CA ASP A 314 -7.64 22.55 -13.24
C ASP A 314 -8.96 23.34 -13.29
N GLU A 315 -9.80 23.06 -14.30
CA GLU A 315 -11.11 23.70 -14.50
C GLU A 315 -12.19 23.07 -13.61
N ALA A 316 -12.18 21.72 -13.46
CA ALA A 316 -13.14 20.97 -12.63
C ALA A 316 -12.98 21.33 -11.14
N GLU A 317 -11.72 21.53 -10.70
CA GLU A 317 -11.37 21.91 -9.32
C GLU A 317 -11.84 23.32 -9.02
N LYS A 318 -11.82 24.21 -10.04
CA LYS A 318 -12.26 25.61 -9.94
C LYS A 318 -13.78 25.69 -9.70
N LEU A 319 -14.56 24.80 -10.35
CA LEU A 319 -16.01 24.73 -10.21
C LEU A 319 -16.42 24.14 -8.86
N PHE A 320 -15.71 23.09 -8.42
CA PHE A 320 -15.94 22.38 -7.16
C PHE A 320 -15.72 23.29 -5.94
N ASN A 321 -14.64 24.09 -5.93
CA ASN A 321 -14.31 25.03 -4.85
C ASN A 321 -15.39 26.11 -4.70
N GLN A 322 -16.20 26.34 -5.76
CA GLN A 322 -17.29 27.29 -5.79
C GLN A 322 -18.61 26.66 -5.31
N ASP A 323 -18.87 25.38 -5.65
CA ASP A 323 -20.07 24.64 -5.28
C ASP A 323 -20.10 24.33 -3.77
N VAL A 324 -18.95 23.95 -3.19
CA VAL A 324 -18.77 23.64 -1.76
C VAL A 324 -18.99 24.94 -0.97
N ASP A 325 -18.43 26.07 -1.47
CA ASP A 325 -18.55 27.41 -0.89
C ASP A 325 -20.01 27.87 -0.85
N ALA A 326 -20.78 27.56 -1.91
CA ALA A 326 -22.19 27.91 -2.02
C ALA A 326 -23.05 27.02 -1.10
N ALA A 327 -22.62 25.75 -0.87
CA ALA A 327 -23.31 24.79 -0.01
C ALA A 327 -23.23 25.20 1.46
N VAL A 328 -22.09 25.77 1.88
CA VAL A 328 -21.84 26.27 3.24
C VAL A 328 -22.66 27.57 3.43
N ARG A 329 -22.70 28.41 2.39
CA ARG A 329 -23.42 29.69 2.35
C ARG A 329 -24.93 29.49 2.55
N GLY A 330 -25.49 28.45 1.91
CA GLY A 330 -26.91 28.11 1.99
C GLY A 330 -27.39 27.72 3.38
N ILE A 331 -26.53 27.01 4.14
CA ILE A 331 -26.80 26.54 5.52
C ILE A 331 -26.99 27.75 6.45
N LEU A 332 -26.06 28.74 6.39
CA LEU A 332 -26.09 29.94 7.23
C LEU A 332 -27.33 30.82 6.93
N ARG A 333 -27.85 30.75 5.68
CA ARG A 333 -29.04 31.47 5.24
C ARG A 333 -30.31 30.82 5.80
N ASN A 334 -30.36 29.48 5.82
CA ASN A 334 -31.51 28.71 6.30
C ASN A 334 -31.61 28.77 7.82
N ALA A 335 -32.80 29.10 8.33
CA ALA A 335 -33.06 29.23 9.77
C ALA A 335 -33.20 27.88 10.47
N LYS A 336 -33.53 26.81 9.71
CA LYS A 336 -33.69 25.46 10.25
C LYS A 336 -32.37 24.67 10.26
N LEU A 337 -31.47 24.93 9.29
CA LEU A 337 -30.19 24.24 9.15
C LEU A 337 -29.06 24.88 9.99
N LYS A 338 -29.07 26.23 10.16
CA LYS A 338 -28.07 26.99 10.90
C LYS A 338 -27.88 26.51 12.38
N PRO A 339 -28.94 26.32 13.22
CA PRO A 339 -28.70 25.89 14.62
C PRO A 339 -28.21 24.44 14.75
N VAL A 340 -28.39 23.63 13.69
CA VAL A 340 -27.94 22.24 13.66
C VAL A 340 -26.43 22.23 13.32
N TYR A 341 -26.00 23.10 12.37
CA TYR A 341 -24.61 23.27 11.94
C TYR A 341 -23.69 23.69 13.10
N ASP A 342 -24.20 24.56 14.00
CA ASP A 342 -23.51 25.07 15.18
C ASP A 342 -23.33 24.01 16.26
N SER A 343 -24.33 23.13 16.47
CA SER A 343 -24.30 22.07 17.48
C SER A 343 -23.45 20.85 17.05
N LEU A 344 -23.00 20.80 15.78
CA LEU A 344 -22.20 19.69 15.24
C LEU A 344 -20.70 20.01 15.23
N ASP A 345 -19.87 18.97 15.42
CA ASP A 345 -18.41 19.05 15.41
C ASP A 345 -17.89 19.09 13.95
N ALA A 346 -16.58 19.32 13.76
CA ALA A 346 -15.91 19.43 12.46
C ALA A 346 -16.24 18.29 11.48
N VAL A 347 -16.21 17.02 11.95
CA VAL A 347 -16.49 15.83 11.14
C VAL A 347 -17.97 15.78 10.74
N ARG A 348 -18.87 16.03 11.70
CA ARG A 348 -20.32 15.99 11.47
C ARG A 348 -20.84 17.21 10.67
N ARG A 349 -20.09 18.35 10.68
CA ARG A 349 -20.42 19.56 9.91
C ARG A 349 -20.23 19.27 8.41
N ALA A 350 -19.20 18.46 8.08
CA ALA A 350 -18.86 18.02 6.73
C ALA A 350 -19.92 17.05 6.20
N ALA A 351 -20.52 16.24 7.09
CA ALA A 351 -21.58 15.29 6.74
C ALA A 351 -22.87 16.03 6.32
N LEU A 352 -23.15 17.20 6.95
CA LEU A 352 -24.32 18.03 6.65
C LEU A 352 -24.14 18.80 5.34
N ILE A 353 -22.91 19.34 5.08
CA ILE A 353 -22.55 20.05 3.84
C ILE A 353 -22.72 19.08 2.66
N ASN A 354 -22.32 17.80 2.86
CA ASN A 354 -22.43 16.69 1.90
C ASN A 354 -23.89 16.49 1.46
N MET A 355 -24.85 16.60 2.40
CA MET A 355 -26.29 16.46 2.14
C MET A 355 -26.84 17.66 1.35
N VAL A 356 -26.39 18.89 1.71
CA VAL A 356 -26.81 20.14 1.08
C VAL A 356 -26.25 20.20 -0.36
N PHE A 357 -25.00 19.74 -0.58
CA PHE A 357 -24.36 19.68 -1.89
C PHE A 357 -25.13 18.78 -2.86
N GLN A 358 -25.69 17.68 -2.33
CA GLN A 358 -26.41 16.65 -3.07
C GLN A 358 -27.91 17.00 -3.30
N MET A 359 -28.66 17.26 -2.22
CA MET A 359 -30.11 17.50 -2.28
C MET A 359 -30.52 18.97 -2.35
N GLY A 360 -29.71 19.86 -1.79
CA GLY A 360 -30.00 21.29 -1.76
C GLY A 360 -30.50 21.75 -0.40
N GLU A 361 -30.34 23.06 -0.13
CA GLU A 361 -30.74 23.77 1.10
C GLU A 361 -32.19 23.42 1.50
N THR A 362 -33.12 23.47 0.53
CA THR A 362 -34.55 23.19 0.73
C THR A 362 -34.80 21.69 0.98
N GLY A 363 -34.03 20.83 0.33
CA GLY A 363 -34.14 19.38 0.45
C GLY A 363 -33.85 18.84 1.83
N VAL A 364 -32.68 19.22 2.41
CA VAL A 364 -32.20 18.78 3.73
C VAL A 364 -33.12 19.31 4.83
N ALA A 365 -33.65 20.53 4.67
CA ALA A 365 -34.56 21.19 5.61
C ALA A 365 -35.87 20.39 5.83
N GLY A 366 -36.18 19.50 4.88
CA GLY A 366 -37.35 18.62 4.93
C GLY A 366 -37.28 17.50 5.95
N PHE A 367 -36.08 17.24 6.49
CA PHE A 367 -35.82 16.20 7.50
C PHE A 367 -35.97 16.81 8.90
N THR A 368 -37.17 17.36 9.18
CA THR A 368 -37.55 18.06 10.41
C THR A 368 -37.31 17.24 11.69
N ASN A 369 -37.57 15.92 11.65
CA ASN A 369 -37.39 15.03 12.81
C ASN A 369 -35.90 14.69 13.02
N SER A 370 -35.17 14.31 11.94
CA SER A 370 -33.75 13.95 11.95
C SER A 370 -32.86 15.10 12.41
N LEU A 371 -33.13 16.34 11.92
CA LEU A 371 -32.35 17.54 12.27
C LEU A 371 -32.46 17.87 13.77
N ARG A 372 -33.64 17.59 14.36
CA ARG A 372 -33.93 17.79 15.78
C ARG A 372 -33.10 16.81 16.64
N MET A 373 -32.99 15.54 16.21
CA MET A 373 -32.22 14.50 16.90
C MET A 373 -30.71 14.78 16.83
N LEU A 374 -30.24 15.39 15.72
CA LEU A 374 -28.83 15.76 15.53
C LEU A 374 -28.45 16.91 16.44
N GLN A 375 -29.39 17.87 16.63
CA GLN A 375 -29.25 19.05 17.48
C GLN A 375 -29.15 18.65 18.97
N GLN A 376 -29.82 17.54 19.36
CA GLN A 376 -29.86 16.99 20.72
C GLN A 376 -28.75 15.95 20.95
N LYS A 377 -27.81 15.81 19.98
CA LYS A 377 -26.67 14.89 19.99
C LYS A 377 -27.11 13.40 20.14
N ARG A 378 -28.25 13.05 19.51
CA ARG A 378 -28.83 11.70 19.48
C ARG A 378 -28.60 11.14 18.07
N TRP A 379 -27.46 10.46 17.90
CA TRP A 379 -26.99 9.98 16.60
C TRP A 379 -27.69 8.72 16.08
N ASP A 380 -27.88 7.68 16.93
CA ASP A 380 -28.50 6.42 16.49
C ASP A 380 -30.00 6.57 16.16
N GLU A 381 -30.71 7.46 16.87
CA GLU A 381 -32.14 7.71 16.64
C GLU A 381 -32.36 8.53 15.37
N ALA A 382 -31.41 9.44 15.05
CA ALA A 382 -31.44 10.24 13.82
C ALA A 382 -31.16 9.33 12.63
N ALA A 383 -30.26 8.34 12.82
CA ALA A 383 -29.82 7.37 11.82
C ALA A 383 -30.94 6.47 11.29
N VAL A 384 -31.93 6.14 12.14
CA VAL A 384 -33.06 5.27 11.75
C VAL A 384 -34.00 6.02 10.78
N ASN A 385 -34.32 7.29 11.09
CA ASN A 385 -35.22 8.14 10.28
C ASN A 385 -34.61 8.48 8.92
N LEU A 386 -33.28 8.73 8.86
CA LEU A 386 -32.53 9.03 7.63
C LEU A 386 -32.52 7.83 6.69
N ALA A 387 -32.52 6.61 7.26
CA ALA A 387 -32.59 5.35 6.52
C ALA A 387 -33.98 5.15 5.92
N LYS A 388 -35.02 5.68 6.59
CA LYS A 388 -36.42 5.61 6.16
C LYS A 388 -36.77 6.88 5.34
N SER A 389 -36.15 7.01 4.14
CA SER A 389 -36.33 8.13 3.21
C SER A 389 -35.99 7.74 1.77
N ARG A 390 -36.42 8.57 0.78
CA ARG A 390 -36.15 8.37 -0.65
C ARG A 390 -34.66 8.59 -0.98
N TRP A 391 -33.93 9.35 -0.12
CA TRP A 391 -32.50 9.65 -0.23
C TRP A 391 -31.67 8.36 -0.08
N TYR A 392 -32.02 7.53 0.92
CA TYR A 392 -31.37 6.26 1.21
C TYR A 392 -31.66 5.23 0.12
N ASN A 393 -32.83 5.31 -0.53
CA ASN A 393 -33.23 4.39 -1.59
C ASN A 393 -32.59 4.77 -2.93
N GLN A 394 -32.39 6.08 -3.20
CA GLN A 394 -31.76 6.58 -4.43
C GLN A 394 -30.28 6.23 -4.47
N THR A 395 -29.49 6.75 -3.50
CA THR A 395 -28.05 6.49 -3.38
C THR A 395 -27.81 5.76 -2.05
N PRO A 396 -27.95 4.41 -2.02
CA PRO A 396 -27.78 3.70 -0.75
C PRO A 396 -26.33 3.66 -0.24
N ASN A 397 -25.36 3.42 -1.15
CA ASN A 397 -23.92 3.34 -0.84
C ASN A 397 -23.38 4.67 -0.29
N ARG A 398 -23.83 5.81 -0.85
CA ARG A 398 -23.43 7.15 -0.44
C ARG A 398 -24.08 7.54 0.89
N ALA A 399 -25.41 7.30 1.05
CA ALA A 399 -26.17 7.59 2.26
C ALA A 399 -25.69 6.77 3.45
N LYS A 400 -25.29 5.51 3.21
CA LYS A 400 -24.76 4.60 4.25
C LYS A 400 -23.49 5.22 4.86
N ARG A 401 -22.61 5.81 4.01
CA ARG A 401 -21.36 6.45 4.43
C ARG A 401 -21.59 7.73 5.24
N VAL A 402 -22.56 8.56 4.82
CA VAL A 402 -22.90 9.84 5.48
C VAL A 402 -23.58 9.57 6.84
N ILE A 403 -24.55 8.63 6.90
CA ILE A 403 -25.28 8.27 8.12
C ILE A 403 -24.31 7.68 9.18
N THR A 404 -23.35 6.79 8.77
CA THR A 404 -22.35 6.18 9.66
C THR A 404 -21.43 7.28 10.25
N THR A 405 -21.09 8.30 9.44
CA THR A 405 -20.27 9.45 9.82
C THR A 405 -21.04 10.27 10.88
N PHE A 406 -22.38 10.36 10.78
CA PHE A 406 -23.22 11.05 11.77
C PHE A 406 -23.27 10.26 13.08
N ARG A 407 -23.19 8.93 12.99
CA ARG A 407 -23.23 8.02 14.15
C ARG A 407 -21.94 8.01 14.95
N THR A 408 -20.78 7.86 14.26
CA THR A 408 -19.47 7.75 14.88
C THR A 408 -18.74 9.09 15.08
N GLY A 409 -18.89 10.00 14.11
CA GLY A 409 -18.21 11.28 14.14
C GLY A 409 -16.75 11.15 13.73
N THR A 410 -16.44 10.11 12.93
CA THR A 410 -15.10 9.79 12.43
C THR A 410 -15.13 9.57 10.91
N TRP A 411 -13.93 9.38 10.31
CA TRP A 411 -13.73 9.13 8.88
C TRP A 411 -13.64 7.62 8.61
N ASP A 412 -14.15 6.77 9.53
CA ASP A 412 -14.17 5.31 9.46
C ASP A 412 -14.87 4.79 8.20
N ALA A 413 -15.91 5.52 7.71
CA ALA A 413 -16.68 5.15 6.51
C ALA A 413 -15.89 5.40 5.23
N TYR A 414 -15.02 6.42 5.22
CA TYR A 414 -14.21 6.81 4.06
C TYR A 414 -12.77 6.24 4.15
N LYS A 415 -12.61 5.11 4.87
CA LYS A 415 -11.35 4.38 5.06
C LYS A 415 -10.90 3.72 3.77
N PHE A 416 -9.74 4.16 3.24
CA PHE A 416 -9.09 3.69 2.01
C PHE A 416 -10.03 3.74 0.78
N CYS A 417 -10.77 4.85 0.64
CA CYS A 417 -11.71 5.07 -0.47
C CYS A 417 -11.01 5.87 -1.56
N LEU A 418 -10.27 6.92 -1.15
CA LEU A 418 -9.50 7.79 -2.04
C LEU A 418 -8.40 6.99 -2.75
N LYS A 419 -8.12 7.31 -4.03
CA LYS A 419 -7.11 6.62 -4.85
C LYS A 419 -5.71 6.72 -4.24
N GLU A 420 -5.39 7.87 -3.61
CA GLU A 420 -4.11 8.13 -2.96
C GLU A 420 -3.96 7.33 -1.66
N HIS A 421 -5.10 7.02 -1.01
CA HIS A 421 -5.17 6.25 0.23
C HIS A 421 -5.08 4.75 -0.03
N LYS A 422 -5.60 4.29 -1.20
CA LYS A 422 -5.56 2.90 -1.65
C LYS A 422 -4.12 2.48 -1.95
N ALA A 423 -3.28 3.45 -2.40
CA ALA A 423 -1.86 3.28 -2.70
C ALA A 423 -1.07 3.07 -1.41
N LEU A 424 -1.54 3.65 -0.29
CA LEU A 424 -0.93 3.52 1.03
C LEU A 424 -1.26 2.17 1.64
N LYS A 425 -2.45 1.62 1.34
CA LYS A 425 -2.89 0.31 1.82
C LYS A 425 -2.11 -0.79 1.08
N THR A 426 -1.85 -0.60 -0.23
CA THR A 426 -1.11 -1.53 -1.10
C THR A 426 0.33 -1.71 -0.57
N LEU A 427 1.02 -0.59 -0.25
CA LEU A 427 2.37 -0.60 0.31
C LEU A 427 2.38 -1.24 1.70
N GLY A 428 1.29 -1.06 2.44
CA GLY A 428 1.10 -1.63 3.78
C GLY A 428 0.95 -3.14 3.77
N ILE A 429 0.36 -3.70 2.69
CA ILE A 429 0.18 -5.15 2.50
C ILE A 429 1.56 -5.80 2.21
N ILE A 430 2.41 -5.11 1.39
CA ILE A 430 3.77 -5.53 1.02
C ILE A 430 4.65 -5.66 2.28
N MET A 431 4.59 -4.65 3.17
CA MET A 431 5.32 -4.59 4.45
C MET A 431 4.80 -5.65 5.44
N GLY A 432 3.49 -5.87 5.44
CA GLY A 432 2.81 -6.82 6.31
C GLY A 432 3.11 -8.27 5.98
N THR A 433 3.04 -8.62 4.68
CA THR A 433 3.32 -9.96 4.16
C THR A 433 4.77 -10.35 4.45
N PHE A 434 5.72 -9.42 4.17
CA PHE A 434 7.17 -9.61 4.39
C PHE A 434 7.46 -9.93 5.87
N THR A 435 6.74 -9.28 6.79
CA THR A 435 6.86 -9.47 8.23
C THR A 435 6.33 -10.87 8.59
N LEU A 436 5.14 -11.23 8.07
CA LEU A 436 4.46 -12.51 8.29
C LEU A 436 5.28 -13.73 7.83
N CYS A 437 6.07 -13.55 6.76
CA CYS A 437 6.90 -14.60 6.14
C CYS A 437 8.24 -14.79 6.84
N TRP A 438 8.94 -13.69 7.20
CA TRP A 438 10.29 -13.76 7.79
C TRP A 438 10.34 -13.78 9.34
N LEU A 439 9.30 -13.28 10.04
CA LEU A 439 9.24 -13.25 11.52
C LEU A 439 9.34 -14.66 12.15
N PRO A 440 8.62 -15.73 11.67
CA PRO A 440 8.76 -17.05 12.32
C PRO A 440 10.19 -17.61 12.26
N PHE A 441 10.94 -17.28 11.19
CA PHE A 441 12.31 -17.71 11.01
C PHE A 441 13.26 -17.00 11.98
N PHE A 442 13.16 -15.66 12.09
CA PHE A 442 14.03 -14.85 12.95
C PHE A 442 13.74 -15.04 14.45
N ILE A 443 12.48 -15.40 14.82
CA ILE A 443 12.11 -15.65 16.21
C ILE A 443 12.76 -16.97 16.66
N VAL A 444 12.57 -18.05 15.87
CA VAL A 444 13.14 -19.38 16.11
C VAL A 444 14.70 -19.30 16.11
N ASN A 445 15.27 -18.37 15.31
CA ASN A 445 16.71 -18.10 15.20
C ASN A 445 17.28 -17.56 16.53
N ILE A 446 16.50 -16.72 17.25
CA ILE A 446 16.88 -16.12 18.55
C ILE A 446 16.66 -17.14 19.70
N VAL A 447 15.62 -18.01 19.57
CA VAL A 447 15.28 -19.05 20.55
C VAL A 447 16.40 -20.13 20.56
N HIS A 448 17.00 -20.43 19.39
CA HIS A 448 18.09 -21.39 19.20
C HIS A 448 19.37 -20.96 19.96
N VAL A 449 19.56 -19.64 20.15
CA VAL A 449 20.71 -19.05 20.86
C VAL A 449 20.55 -19.31 22.38
N ILE A 450 19.31 -19.16 22.90
CA ILE A 450 18.96 -19.36 24.31
C ILE A 450 19.09 -20.87 24.66
N GLN A 451 18.39 -21.75 23.90
CA GLN A 451 18.43 -23.21 24.06
C GLN A 451 18.59 -23.88 22.70
N ASP A 452 19.67 -24.65 22.55
CA ASP A 452 20.09 -25.28 21.29
C ASP A 452 19.27 -26.53 20.89
N ASN A 453 18.80 -27.34 21.86
CA ASN A 453 18.09 -28.61 21.60
C ASN A 453 16.64 -28.46 21.10
N LEU A 454 15.94 -27.36 21.46
CA LEU A 454 14.54 -27.11 21.14
C LEU A 454 14.21 -27.08 19.62
N ILE A 455 15.13 -26.57 18.78
CA ILE A 455 14.91 -26.45 17.33
C ILE A 455 15.67 -27.53 16.54
N ARG A 456 14.93 -28.25 15.69
CA ARG A 456 15.44 -29.29 14.79
C ARG A 456 15.80 -28.69 13.43
N LYS A 457 16.70 -29.36 12.68
CA LYS A 457 17.17 -28.91 11.36
C LYS A 457 16.00 -28.79 10.36
N GLU A 458 15.10 -29.80 10.29
CA GLU A 458 13.94 -29.84 9.39
C GLU A 458 12.95 -28.68 9.62
N VAL A 459 12.90 -28.14 10.85
CA VAL A 459 12.02 -27.02 11.22
C VAL A 459 12.64 -25.69 10.72
N TYR A 460 13.99 -25.59 10.80
CA TYR A 460 14.77 -24.42 10.39
C TYR A 460 14.67 -24.15 8.88
N ILE A 461 14.81 -25.21 8.05
CA ILE A 461 14.77 -25.14 6.58
C ILE A 461 13.35 -24.76 6.10
N LEU A 462 12.30 -25.35 6.72
CA LEU A 462 10.89 -25.11 6.41
C LEU A 462 10.49 -23.63 6.64
N LEU A 463 10.94 -23.03 7.77
CA LEU A 463 10.64 -21.64 8.11
C LEU A 463 11.42 -20.67 7.23
N ASN A 464 12.61 -21.09 6.75
CA ASN A 464 13.47 -20.31 5.85
C ASN A 464 12.84 -20.25 4.45
N TRP A 465 12.14 -21.32 4.06
CA TRP A 465 11.49 -21.42 2.75
C TRP A 465 10.17 -20.65 2.69
N ILE A 466 9.53 -20.37 3.85
CA ILE A 466 8.31 -19.55 3.92
C ILE A 466 8.71 -18.12 3.52
N GLY A 467 9.89 -17.70 3.96
CA GLY A 467 10.48 -16.40 3.61
C GLY A 467 10.89 -16.33 2.15
N TYR A 468 11.29 -17.48 1.56
CA TYR A 468 11.71 -17.59 0.15
C TYR A 468 10.54 -17.40 -0.83
N VAL A 469 9.34 -17.95 -0.49
CA VAL A 469 8.13 -17.88 -1.32
C VAL A 469 7.66 -16.41 -1.45
N ASN A 470 7.91 -15.57 -0.41
CA ASN A 470 7.58 -14.15 -0.34
C ASN A 470 8.15 -13.34 -1.54
N SER A 471 9.28 -13.80 -2.12
CA SER A 471 9.94 -13.18 -3.27
C SER A 471 9.06 -13.24 -4.55
N GLY A 472 8.04 -14.11 -4.54
CA GLY A 472 7.10 -14.28 -5.64
C GLY A 472 5.70 -13.75 -5.37
N PHE A 473 5.45 -13.26 -4.15
CA PHE A 473 4.15 -12.71 -3.75
C PHE A 473 4.00 -11.25 -4.12
N ASN A 474 5.09 -10.44 -3.97
CA ASN A 474 5.14 -9.01 -4.26
C ASN A 474 4.57 -8.66 -5.66
N PRO A 475 4.93 -9.36 -6.78
CA PRO A 475 4.34 -9.00 -8.09
C PRO A 475 2.81 -9.18 -8.17
N LEU A 476 2.24 -10.09 -7.36
CA LEU A 476 0.80 -10.34 -7.33
C LEU A 476 0.07 -9.23 -6.57
N ILE A 477 0.74 -8.62 -5.58
CA ILE A 477 0.17 -7.55 -4.75
C ILE A 477 0.18 -6.21 -5.55
N TYR A 478 1.07 -6.07 -6.56
CA TYR A 478 1.13 -4.87 -7.40
C TYR A 478 -0.07 -4.79 -8.37
N CYS A 479 -0.84 -5.90 -8.51
CA CYS A 479 -2.03 -5.99 -9.35
C CYS A 479 -3.21 -5.24 -8.70
N ARG A 480 -3.02 -4.71 -7.49
CA ARG A 480 -4.00 -3.89 -6.78
C ARG A 480 -4.06 -2.51 -7.42
N SER A 481 -2.89 -1.97 -7.82
CA SER A 481 -2.76 -0.67 -8.48
C SER A 481 -3.24 -0.78 -9.94
N PRO A 482 -4.17 0.10 -10.39
CA PRO A 482 -4.65 0.03 -11.78
C PRO A 482 -3.55 0.36 -12.80
N ASP A 483 -2.58 1.20 -12.41
CA ASP A 483 -1.44 1.59 -13.25
C ASP A 483 -0.57 0.39 -13.63
N PHE A 484 -0.36 -0.55 -12.67
CA PHE A 484 0.41 -1.77 -12.90
C PHE A 484 -0.39 -2.79 -13.69
N ARG A 485 -1.73 -2.85 -13.47
CA ARG A 485 -2.65 -3.77 -14.15
C ARG A 485 -2.63 -3.56 -15.66
N ILE A 486 -2.68 -2.28 -16.10
CA ILE A 486 -2.66 -1.84 -17.49
C ILE A 486 -1.28 -2.13 -18.11
N ALA A 487 -0.19 -2.01 -17.32
CA ALA A 487 1.17 -2.26 -17.76
C ALA A 487 1.45 -3.75 -17.91
N PHE A 488 0.95 -4.58 -16.97
CA PHE A 488 1.12 -6.03 -16.98
C PHE A 488 0.39 -6.69 -18.14
N GLN A 489 -0.86 -6.25 -18.44
CA GLN A 489 -1.66 -6.79 -19.53
C GLN A 489 -1.09 -6.38 -20.90
N GLU A 490 -0.36 -5.25 -20.97
CA GLU A 490 0.28 -4.76 -22.18
C GLU A 490 1.53 -5.58 -22.51
N LEU A 491 2.35 -5.91 -21.49
CA LEU A 491 3.57 -6.69 -21.65
C LEU A 491 3.24 -8.17 -21.92
N LEU A 492 2.13 -8.67 -21.36
CA LEU A 492 1.69 -10.05 -21.59
C LEU A 492 0.82 -10.16 -22.85
N CYS A 493 0.55 -9.01 -23.53
CA CYS A 493 -0.22 -8.86 -24.77
C CYS A 493 -1.61 -9.51 -24.63
N LEU A 494 -2.39 -9.06 -23.63
CA LEU A 494 -3.74 -9.56 -23.34
C LEU A 494 -4.82 -8.60 -23.86
#